data_1XNZ
#
_entry.id   1XNZ
#
_cell.length_a   37.6
_cell.length_b   60.3
_cell.length_c   49.7
_cell.angle_alpha   90.0
_cell.angle_beta   104.8
_cell.angle_gamma   90.0
#
_symmetry.space_group_name_H-M   'P 1 21 1'
#
loop_
_entity.id
_entity.type
_entity.pdbx_description
1 polymer 'Methionine aminopeptidase'
2 non-polymer 'MANGANESE (II) ION'
3 non-polymer 'SODIUM ION'
4 non-polymer '5-(2-CHLOROPHENYL)FURAN-2-CARBOXYLIC ACID'
5 water water
#
_entity_poly.entity_id   1
_entity_poly.type   'polypeptide(L)'
_entity_poly.pdbx_seq_one_letter_code
;MAISIKTPEDIEKMRVAGRLAAEVLEMIEPYVKPGVSTGELDRICNDYIVNEQHAVSACLGYHGYPKSVCISINEVVCHG
IPDDAKLLKDGDIVNIDVTVIKDGFHGDTSKMFIVGKPTIMGERLCRITQESLYLALRMVKPGINLREIGAAIQKFVEAE
GFSVVREYCGHGIGRGFHEEPQVLHYDSRETNVVLKPGMTFTIEPMVNAGKKEIRTMKDGWTVKTKDRSLSAQYEHTIVV
TDNGCEILTLRKDDTIPAIISHDE
;
_entity_poly.pdbx_strand_id   A
#
loop_
_chem_comp.id
_chem_comp.type
_chem_comp.name
_chem_comp.formula
FCD non-polymer '5-(2-CHLOROPHENYL)FURAN-2-CARBOXYLIC ACID' 'C11 H7 Cl O3'
MN non-polymer 'MANGANESE (II) ION' 'Mn 2'
NA non-polymer 'SODIUM ION' 'Na 1'
#
# COMPACT_ATOMS: atom_id res chain seq x y z
N ALA A 2 15.77 -5.70 -16.90
CA ALA A 2 16.00 -4.26 -16.58
C ALA A 2 14.70 -3.60 -16.08
N ILE A 3 14.70 -2.28 -16.02
CA ILE A 3 13.53 -1.53 -15.57
C ILE A 3 12.85 -0.90 -16.78
N SER A 4 11.52 -0.85 -16.74
CA SER A 4 10.76 -0.28 -17.85
C SER A 4 10.29 1.15 -17.62
N ILE A 5 10.28 1.93 -18.69
CA ILE A 5 9.84 3.31 -18.65
C ILE A 5 8.52 3.34 -19.41
N LYS A 6 7.42 3.55 -18.70
CA LYS A 6 6.11 3.57 -19.32
C LYS A 6 5.93 4.67 -20.36
N THR A 7 5.26 4.31 -21.45
CA THR A 7 4.98 5.26 -22.52
C THR A 7 3.80 6.12 -22.07
N PRO A 8 3.55 7.25 -22.75
CA PRO A 8 2.44 8.11 -22.36
C PRO A 8 1.13 7.33 -22.35
N GLU A 9 0.99 6.43 -23.33
CA GLU A 9 -0.20 5.60 -23.45
C GLU A 9 -0.33 4.66 -22.26
N ASP A 10 0.77 4.02 -21.88
CA ASP A 10 0.76 3.11 -20.75
C ASP A 10 0.48 3.90 -19.47
N ILE A 11 1.10 5.07 -19.34
CA ILE A 11 0.89 5.88 -18.15
C ILE A 11 -0.60 6.23 -18.00
N GLU A 12 -1.26 6.51 -19.12
CA GLU A 12 -2.68 6.82 -19.06
C GLU A 12 -3.45 5.60 -18.58
N LYS A 13 -3.05 4.42 -19.04
CA LYS A 13 -3.73 3.20 -18.62
C LYS A 13 -3.48 2.98 -17.13
N MET A 14 -2.29 3.35 -16.67
CA MET A 14 -1.95 3.21 -15.26
C MET A 14 -2.81 4.19 -14.44
N ARG A 15 -3.05 5.38 -15.00
CA ARG A 15 -3.87 6.36 -14.30
C ARG A 15 -5.27 5.79 -14.11
N VAL A 16 -5.78 5.13 -15.14
CA VAL A 16 -7.10 4.53 -15.08
C VAL A 16 -7.13 3.41 -14.05
N ALA A 17 -6.14 2.53 -14.10
CA ALA A 17 -6.06 1.41 -13.15
C ALA A 17 -5.87 1.93 -11.73
N GLY A 18 -5.02 2.94 -11.58
CA GLY A 18 -4.76 3.50 -10.27
C GLY A 18 -6.00 4.14 -9.67
N ARG A 19 -6.74 4.85 -10.52
CA ARG A 19 -7.96 5.52 -10.07
C ARG A 19 -8.97 4.46 -9.60
N LEU A 20 -9.07 3.37 -10.34
CA LEU A 20 -10.00 2.30 -9.96
C LEU A 20 -9.62 1.73 -8.60
N ALA A 21 -8.35 1.45 -8.40
CA ALA A 21 -7.88 0.90 -7.13
C ALA A 21 -8.22 1.85 -6.00
N ALA A 22 -7.96 3.14 -6.21
CA ALA A 22 -8.23 4.15 -5.19
C ALA A 22 -9.72 4.22 -4.92
N GLU A 23 -10.53 4.10 -5.98
CA GLU A 23 -11.96 4.17 -5.82
C GLU A 23 -12.55 2.99 -5.06
N VAL A 24 -11.85 1.86 -5.06
CA VAL A 24 -12.32 0.72 -4.30
C VAL A 24 -12.18 1.08 -2.82
N LEU A 25 -11.07 1.74 -2.48
CA LEU A 25 -10.84 2.13 -1.11
C LEU A 25 -11.83 3.22 -0.67
N GLU A 26 -12.15 4.15 -1.57
CA GLU A 26 -13.12 5.18 -1.23
C GLU A 26 -14.49 4.55 -1.07
N MET A 27 -14.79 3.61 -1.95
CA MET A 27 -16.08 2.92 -1.92
C MET A 27 -16.30 2.09 -0.66
N ILE A 28 -15.27 1.40 -0.21
CA ILE A 28 -15.41 0.52 0.94
C ILE A 28 -15.44 1.20 2.30
N GLU A 29 -14.88 2.40 2.38
CA GLU A 29 -14.81 3.12 3.65
C GLU A 29 -16.05 3.08 4.55
N PRO A 30 -17.23 3.40 4.01
CA PRO A 30 -18.46 3.38 4.82
C PRO A 30 -18.79 2.02 5.41
N TYR A 31 -18.25 0.97 4.81
CA TYR A 31 -18.49 -0.39 5.27
C TYR A 31 -17.53 -0.81 6.37
N VAL A 32 -16.41 -0.12 6.49
CA VAL A 32 -15.43 -0.47 7.49
C VAL A 32 -15.85 0.09 8.83
N LYS A 33 -16.75 -0.64 9.50
CA LYS A 33 -17.25 -0.23 10.79
C LYS A 33 -17.36 -1.44 11.71
N PRO A 34 -17.51 -1.20 13.03
CA PRO A 34 -17.62 -2.31 13.98
C PRO A 34 -18.71 -3.28 13.58
N GLY A 35 -18.41 -4.58 13.71
CA GLY A 35 -19.39 -5.60 13.39
C GLY A 35 -19.26 -6.29 12.05
N VAL A 36 -18.69 -5.59 11.07
CA VAL A 36 -18.54 -6.17 9.73
C VAL A 36 -17.39 -7.18 9.70
N SER A 37 -17.53 -8.22 8.89
CA SER A 37 -16.49 -9.22 8.77
C SER A 37 -15.55 -8.80 7.64
N THR A 38 -14.30 -9.22 7.73
CA THR A 38 -13.34 -8.90 6.69
C THR A 38 -13.75 -9.68 5.44
N GLY A 39 -14.40 -10.81 5.65
CA GLY A 39 -14.86 -11.62 4.52
C GLY A 39 -15.86 -10.85 3.70
N GLU A 40 -16.81 -10.18 4.35
CA GLU A 40 -17.80 -9.42 3.62
C GLU A 40 -17.17 -8.21 2.93
N LEU A 41 -16.21 -7.57 3.58
CA LEU A 41 -15.55 -6.42 2.97
C LEU A 41 -14.89 -6.83 1.66
N ASP A 42 -14.28 -8.01 1.67
CA ASP A 42 -13.62 -8.56 0.50
C ASP A 42 -14.62 -8.78 -0.63
N ARG A 43 -15.77 -9.36 -0.30
CA ARG A 43 -16.79 -9.64 -1.30
C ARG A 43 -17.35 -8.34 -1.88
N ILE A 44 -17.53 -7.34 -1.02
CA ILE A 44 -18.04 -6.05 -1.45
C ILE A 44 -17.03 -5.44 -2.41
N CYS A 45 -15.75 -5.54 -2.07
CA CYS A 45 -14.71 -4.99 -2.92
C CYS A 45 -14.67 -5.73 -4.26
N ASN A 46 -14.70 -7.05 -4.21
CA ASN A 46 -14.65 -7.82 -5.44
C ASN A 46 -15.85 -7.55 -6.34
N ASP A 47 -17.05 -7.49 -5.76
CA ASP A 47 -18.24 -7.23 -6.56
C ASP A 47 -18.10 -5.89 -7.29
N TYR A 48 -17.59 -4.90 -6.57
CA TYR A 48 -17.41 -3.56 -7.13
C TYR A 48 -16.40 -3.59 -8.27
N ILE A 49 -15.28 -4.26 -8.02
CA ILE A 49 -14.22 -4.35 -9.02
C ILE A 49 -14.73 -5.01 -10.30
N VAL A 50 -15.39 -6.15 -10.15
CA VAL A 50 -15.90 -6.89 -11.29
C VAL A 50 -17.13 -6.28 -11.96
N ASN A 51 -18.17 -6.04 -11.15
CA ASN A 51 -19.43 -5.51 -11.68
C ASN A 51 -19.52 -4.02 -11.95
N GLU A 52 -18.80 -3.20 -11.20
CA GLU A 52 -18.88 -1.76 -11.41
C GLU A 52 -17.72 -1.18 -12.19
N GLN A 53 -16.51 -1.62 -11.88
CA GLN A 53 -15.33 -1.10 -12.56
C GLN A 53 -15.00 -1.92 -13.79
N HIS A 54 -15.61 -3.11 -13.90
CA HIS A 54 -15.34 -3.98 -15.02
C HIS A 54 -13.85 -4.25 -15.08
N ALA A 55 -13.27 -4.48 -13.92
CA ALA A 55 -11.85 -4.78 -13.79
C ALA A 55 -11.75 -6.12 -13.09
N VAL A 56 -10.55 -6.49 -12.67
CA VAL A 56 -10.35 -7.75 -11.98
C VAL A 56 -9.30 -7.58 -10.89
N SER A 57 -9.47 -8.29 -9.78
CA SER A 57 -8.50 -8.22 -8.71
C SER A 57 -7.26 -9.00 -9.13
N ALA A 58 -6.11 -8.37 -8.99
CA ALA A 58 -4.85 -9.00 -9.37
C ALA A 58 -4.35 -9.92 -8.26
N CYS A 59 -4.95 -9.80 -7.08
CA CYS A 59 -4.54 -10.60 -5.93
C CYS A 59 -4.98 -12.05 -5.92
N LEU A 60 -6.21 -12.30 -6.35
CA LEU A 60 -6.72 -13.66 -6.37
C LEU A 60 -5.89 -14.58 -7.24
N GLY A 61 -5.28 -15.58 -6.61
CA GLY A 61 -4.46 -16.53 -7.33
C GLY A 61 -3.01 -16.12 -7.43
N TYR A 62 -2.71 -14.87 -7.08
CA TYR A 62 -1.34 -14.39 -7.14
C TYR A 62 -0.53 -15.13 -6.09
N HIS A 63 0.40 -15.97 -6.55
CA HIS A 63 1.22 -16.79 -5.66
C HIS A 63 0.30 -17.64 -4.80
N GLY A 64 -0.94 -17.81 -5.27
CA GLY A 64 -1.91 -18.61 -4.55
C GLY A 64 -2.81 -17.85 -3.58
N TYR A 65 -2.71 -16.52 -3.53
CA TYR A 65 -3.54 -15.77 -2.61
C TYR A 65 -5.01 -16.13 -2.88
N PRO A 66 -5.73 -16.56 -1.85
CA PRO A 66 -7.15 -16.97 -1.93
C PRO A 66 -8.25 -15.92 -2.04
N LYS A 67 -7.97 -14.66 -1.74
CA LYS A 67 -9.00 -13.65 -1.79
C LYS A 67 -8.76 -12.53 -2.79
N SER A 68 -9.72 -11.61 -2.87
CA SER A 68 -9.64 -10.49 -3.81
C SER A 68 -8.82 -9.31 -3.31
N VAL A 69 -8.93 -9.03 -2.02
CA VAL A 69 -8.15 -7.94 -1.44
C VAL A 69 -7.52 -8.49 -0.18
N CYS A 70 -6.50 -7.80 0.32
CA CYS A 70 -5.85 -8.23 1.55
C CYS A 70 -6.39 -7.31 2.63
N ILE A 71 -6.80 -7.89 3.75
CA ILE A 71 -7.32 -7.10 4.85
C ILE A 71 -6.56 -7.54 6.10
N SER A 72 -5.80 -6.62 6.66
CA SER A 72 -4.98 -6.90 7.83
C SER A 72 -5.39 -6.04 9.01
N ILE A 73 -5.67 -6.70 10.13
CA ILE A 73 -6.10 -6.00 11.34
C ILE A 73 -5.06 -5.96 12.46
N ASN A 74 -4.93 -4.79 13.06
CA ASN A 74 -4.03 -4.57 14.19
C ASN A 74 -2.63 -5.17 14.06
N GLU A 75 -2.33 -6.21 14.82
CA GLU A 75 -1.00 -6.82 14.79
C GLU A 75 -0.68 -7.54 13.49
N VAL A 76 -1.69 -7.75 12.64
CA VAL A 76 -1.44 -8.38 11.35
C VAL A 76 -0.73 -7.32 10.51
N VAL A 77 0.44 -7.68 10.01
CA VAL A 77 1.27 -6.79 9.21
C VAL A 77 0.79 -6.67 7.76
N CYS A 78 0.51 -7.81 7.16
CA CYS A 78 0.06 -7.83 5.79
C CYS A 78 -0.49 -9.20 5.44
N HIS A 79 -1.08 -9.28 4.25
CA HIS A 79 -1.63 -10.51 3.71
C HIS A 79 -2.73 -11.15 4.54
N GLY A 80 -3.41 -10.34 5.35
CA GLY A 80 -4.50 -10.88 6.14
C GLY A 80 -5.52 -11.43 5.17
N ILE A 81 -6.03 -12.63 5.44
CA ILE A 81 -7.00 -13.25 4.57
C ILE A 81 -8.41 -12.93 5.02
N PRO A 82 -9.20 -12.28 4.15
CA PRO A 82 -10.58 -11.95 4.53
C PRO A 82 -11.29 -13.22 4.99
N ASP A 83 -12.01 -13.12 6.10
CA ASP A 83 -12.73 -14.26 6.65
C ASP A 83 -14.10 -13.80 7.12
N ASP A 84 -15.14 -14.52 6.71
CA ASP A 84 -16.50 -14.17 7.09
C ASP A 84 -16.71 -14.21 8.59
N ALA A 85 -15.78 -14.85 9.30
CA ALA A 85 -15.87 -14.99 10.75
C ALA A 85 -14.97 -14.02 11.51
N LYS A 86 -14.27 -13.14 10.78
CA LYS A 86 -13.40 -12.18 11.44
C LYS A 86 -14.08 -10.82 11.44
N LEU A 87 -14.56 -10.41 12.61
CA LEU A 87 -15.27 -9.15 12.73
C LEU A 87 -14.41 -8.00 13.24
N LEU A 88 -14.61 -6.83 12.64
CA LEU A 88 -13.89 -5.64 13.05
C LEU A 88 -14.55 -5.18 14.33
N LYS A 89 -13.77 -4.58 15.22
CA LYS A 89 -14.31 -4.08 16.47
C LYS A 89 -13.77 -2.70 16.78
N ASP A 90 -14.45 -2.02 17.68
CA ASP A 90 -14.09 -0.68 18.12
C ASP A 90 -12.60 -0.60 18.44
N GLY A 91 -11.93 0.41 17.88
CA GLY A 91 -10.51 0.58 18.14
C GLY A 91 -9.55 -0.08 17.16
N ASP A 92 -10.03 -1.05 16.41
CA ASP A 92 -9.18 -1.74 15.44
C ASP A 92 -8.62 -0.80 14.39
N ILE A 93 -7.42 -1.11 13.92
CA ILE A 93 -6.84 -0.35 12.82
C ILE A 93 -6.82 -1.45 11.77
N VAL A 94 -7.27 -1.12 10.57
CA VAL A 94 -7.34 -2.12 9.52
C VAL A 94 -6.82 -1.61 8.21
N ASN A 95 -6.02 -2.43 7.54
CA ASN A 95 -5.50 -2.06 6.24
C ASN A 95 -6.24 -2.87 5.20
N ILE A 96 -6.70 -2.20 4.16
CA ILE A 96 -7.33 -2.91 3.06
C ILE A 96 -6.43 -2.56 1.90
N ASP A 97 -5.86 -3.61 1.31
CA ASP A 97 -4.94 -3.44 0.20
C ASP A 97 -5.60 -3.96 -1.07
N VAL A 98 -5.65 -3.10 -2.07
CA VAL A 98 -6.29 -3.42 -3.34
C VAL A 98 -5.35 -3.33 -4.53
N THR A 99 -5.53 -4.26 -5.46
CA THR A 99 -4.77 -4.21 -6.69
C THR A 99 -5.71 -4.69 -7.77
N VAL A 100 -6.02 -3.80 -8.70
CA VAL A 100 -6.91 -4.14 -9.78
C VAL A 100 -6.13 -4.11 -11.08
N ILE A 101 -6.59 -4.90 -12.05
CA ILE A 101 -5.98 -4.92 -13.36
C ILE A 101 -7.08 -4.41 -14.27
N LYS A 102 -6.77 -3.42 -15.08
CA LYS A 102 -7.72 -2.85 -16.00
C LYS A 102 -6.97 -2.53 -17.28
N ASP A 103 -7.46 -3.08 -18.39
CA ASP A 103 -6.83 -2.85 -19.67
C ASP A 103 -5.35 -3.26 -19.62
N GLY A 104 -5.09 -4.35 -18.91
CA GLY A 104 -3.73 -4.87 -18.80
C GLY A 104 -2.79 -4.21 -17.81
N PHE A 105 -3.23 -3.15 -17.14
CA PHE A 105 -2.34 -2.49 -16.18
C PHE A 105 -2.84 -2.55 -14.76
N HIS A 106 -1.90 -2.58 -13.82
CA HIS A 106 -2.22 -2.67 -12.40
C HIS A 106 -2.25 -1.35 -11.66
N GLY A 107 -3.17 -1.26 -10.70
CA GLY A 107 -3.33 -0.09 -9.84
C GLY A 107 -3.21 -0.73 -8.47
N ASP A 108 -2.24 -0.30 -7.67
CA ASP A 108 -2.00 -0.91 -6.37
C ASP A 108 -2.00 0.11 -5.24
N THR A 109 -2.89 -0.06 -4.26
CA THR A 109 -2.94 0.91 -3.18
C THR A 109 -3.62 0.35 -1.95
N SER A 110 -3.26 0.89 -0.79
CA SER A 110 -3.86 0.43 0.44
C SER A 110 -3.91 1.61 1.38
N LYS A 111 -4.74 1.50 2.40
CA LYS A 111 -4.84 2.55 3.39
C LYS A 111 -5.31 1.95 4.67
N MET A 112 -5.10 2.69 5.76
CA MET A 112 -5.52 2.24 7.07
C MET A 112 -6.87 2.86 7.36
N PHE A 113 -7.71 2.10 8.04
CA PHE A 113 -9.02 2.57 8.46
C PHE A 113 -9.02 2.37 9.96
N ILE A 114 -9.50 3.35 10.71
CA ILE A 114 -9.59 3.17 12.14
C ILE A 114 -11.05 2.90 12.42
N VAL A 115 -11.32 1.79 13.08
CA VAL A 115 -12.68 1.37 13.37
C VAL A 115 -13.21 1.91 14.69
N GLY A 116 -14.39 2.53 14.62
CA GLY A 116 -15.01 3.08 15.82
C GLY A 116 -14.12 4.11 16.50
N LYS A 117 -14.16 4.13 17.82
CA LYS A 117 -13.35 5.06 18.59
C LYS A 117 -11.87 4.74 18.42
N PRO A 118 -11.11 5.66 17.84
CA PRO A 118 -9.68 5.42 17.64
C PRO A 118 -8.90 5.45 18.94
N THR A 119 -7.86 4.64 19.04
CA THR A 119 -7.00 4.63 20.21
C THR A 119 -5.87 5.57 19.80
N ILE A 120 -5.40 6.41 20.71
CA ILE A 120 -4.33 7.34 20.37
C ILE A 120 -3.13 6.65 19.71
N MET A 121 -2.79 5.46 20.19
CA MET A 121 -1.66 4.72 19.61
C MET A 121 -2.00 4.35 18.18
N GLY A 122 -3.22 3.88 17.96
CA GLY A 122 -3.63 3.51 16.62
C GLY A 122 -3.58 4.71 15.69
N GLU A 123 -4.11 5.84 16.16
CA GLU A 123 -4.11 7.05 15.37
C GLU A 123 -2.69 7.48 15.06
N ARG A 124 -1.84 7.44 16.07
CA ARG A 124 -0.44 7.82 15.92
C ARG A 124 0.28 6.95 14.90
N LEU A 125 0.17 5.63 15.05
CA LEU A 125 0.84 4.71 14.14
C LEU A 125 0.39 4.92 12.69
N CYS A 126 -0.92 5.02 12.48
CA CYS A 126 -1.44 5.22 11.13
C CYS A 126 -0.98 6.54 10.55
N ARG A 127 -1.07 7.59 11.37
CA ARG A 127 -0.65 8.91 10.94
C ARG A 127 0.83 8.92 10.55
N ILE A 128 1.67 8.38 11.43
CA ILE A 128 3.11 8.33 11.19
C ILE A 128 3.41 7.48 9.95
N THR A 129 2.73 6.35 9.83
CA THR A 129 2.95 5.47 8.68
C THR A 129 2.61 6.19 7.39
N GLN A 130 1.48 6.88 7.38
CA GLN A 130 1.06 7.61 6.19
C GLN A 130 2.06 8.73 5.93
N GLU A 131 2.50 9.39 6.99
CA GLU A 131 3.45 10.47 6.83
C GLU A 131 4.78 9.96 6.29
N SER A 132 5.14 8.72 6.61
CA SER A 132 6.39 8.14 6.11
C SER A 132 6.21 7.92 4.61
N LEU A 133 5.00 7.55 4.20
CA LEU A 133 4.74 7.34 2.79
C LEU A 133 4.79 8.69 2.10
N TYR A 134 4.14 9.68 2.72
CA TYR A 134 4.10 11.02 2.16
C TYR A 134 5.47 11.65 2.03
N LEU A 135 6.30 11.52 3.05
CA LEU A 135 7.64 12.10 2.98
C LEU A 135 8.41 11.46 1.84
N ALA A 136 8.19 10.15 1.64
CA ALA A 136 8.87 9.44 0.57
C ALA A 136 8.39 9.95 -0.78
N LEU A 137 7.09 10.14 -0.90
CA LEU A 137 6.51 10.63 -2.15
C LEU A 137 7.07 12.00 -2.50
N ARG A 138 7.24 12.87 -1.50
CA ARG A 138 7.77 14.20 -1.74
C ARG A 138 9.22 14.19 -2.21
N MET A 139 9.90 13.07 -2.00
CA MET A 139 11.30 12.95 -2.41
C MET A 139 11.43 12.43 -3.84
N VAL A 140 10.36 11.82 -4.34
CA VAL A 140 10.36 11.24 -5.68
C VAL A 140 10.52 12.23 -6.82
N LYS A 141 11.59 12.06 -7.58
CA LYS A 141 11.86 12.90 -8.74
C LYS A 141 13.07 12.32 -9.44
N PRO A 142 13.23 12.62 -10.74
CA PRO A 142 14.39 12.08 -11.47
C PRO A 142 15.72 12.41 -10.78
N GLY A 143 16.65 11.46 -10.82
CA GLY A 143 17.95 11.68 -10.23
C GLY A 143 18.13 11.22 -8.80
N ILE A 144 17.03 11.03 -8.08
CA ILE A 144 17.12 10.59 -6.69
C ILE A 144 17.26 9.06 -6.64
N ASN A 145 18.02 8.57 -5.68
CA ASN A 145 18.20 7.12 -5.57
C ASN A 145 17.18 6.56 -4.57
N LEU A 146 16.62 5.40 -4.89
CA LEU A 146 15.65 4.78 -4.00
C LEU A 146 16.26 4.53 -2.63
N ARG A 147 17.57 4.35 -2.58
CA ARG A 147 18.22 4.12 -1.30
C ARG A 147 17.99 5.32 -0.38
N GLU A 148 18.02 6.51 -0.96
CA GLU A 148 17.81 7.73 -0.19
C GLU A 148 16.40 7.77 0.37
N ILE A 149 15.44 7.36 -0.45
CA ILE A 149 14.05 7.36 -0.05
C ILE A 149 13.80 6.32 1.04
N GLY A 150 14.34 5.11 0.85
CA GLY A 150 14.17 4.07 1.84
C GLY A 150 14.80 4.51 3.15
N ALA A 151 15.98 5.12 3.06
CA ALA A 151 16.68 5.57 4.25
C ALA A 151 15.84 6.61 4.98
N ALA A 152 15.27 7.53 4.22
CA ALA A 152 14.43 8.59 4.78
C ALA A 152 13.22 8.02 5.51
N ILE A 153 12.56 7.04 4.90
CA ILE A 153 11.40 6.43 5.52
C ILE A 153 11.78 5.81 6.86
N GLN A 154 12.80 4.97 6.85
CA GLN A 154 13.27 4.30 8.06
C GLN A 154 13.66 5.29 9.15
N LYS A 155 14.45 6.30 8.80
CA LYS A 155 14.89 7.30 9.78
C LYS A 155 13.70 7.96 10.46
N PHE A 156 12.70 8.32 9.67
CA PHE A 156 11.51 8.98 10.18
C PHE A 156 10.74 8.04 11.11
N VAL A 157 10.45 6.85 10.61
CA VAL A 157 9.72 5.85 11.38
C VAL A 157 10.43 5.51 12.68
N GLU A 158 11.74 5.28 12.62
CA GLU A 158 12.49 4.93 13.81
C GLU A 158 12.59 6.08 14.80
N ALA A 159 12.59 7.31 14.28
CA ALA A 159 12.65 8.48 15.14
C ALA A 159 11.35 8.57 15.94
N GLU A 160 10.30 7.93 15.44
CA GLU A 160 9.02 7.92 16.12
C GLU A 160 8.94 6.80 17.14
N GLY A 161 9.96 5.96 17.15
CA GLY A 161 9.99 4.85 18.09
C GLY A 161 9.38 3.60 17.48
N PHE A 162 9.09 3.66 16.19
CA PHE A 162 8.52 2.53 15.48
C PHE A 162 9.61 1.82 14.67
N SER A 163 9.22 0.75 13.97
CA SER A 163 10.16 -0.01 13.17
C SER A 163 9.59 -0.29 11.79
N VAL A 164 10.49 -0.54 10.84
CA VAL A 164 10.08 -0.83 9.47
C VAL A 164 10.25 -2.30 9.15
N VAL A 165 9.20 -2.93 8.62
CA VAL A 165 9.27 -4.34 8.27
C VAL A 165 10.20 -4.47 7.07
N ARG A 166 11.13 -5.41 7.16
CA ARG A 166 12.12 -5.60 6.12
C ARG A 166 11.78 -6.64 5.05
N GLU A 167 10.93 -7.60 5.40
CA GLU A 167 10.57 -8.67 4.48
C GLU A 167 9.81 -8.25 3.23
N TYR A 168 9.15 -7.10 3.30
CA TYR A 168 8.38 -6.63 2.16
C TYR A 168 8.81 -5.27 1.67
N CYS A 169 8.54 -5.00 0.41
CA CYS A 169 8.95 -3.75 -0.18
C CYS A 169 8.01 -3.30 -1.28
N GLY A 170 8.21 -2.05 -1.70
CA GLY A 170 7.42 -1.50 -2.78
C GLY A 170 7.95 -2.14 -4.04
N HIS A 171 7.37 -1.82 -5.18
CA HIS A 171 7.80 -2.48 -6.41
C HIS A 171 7.40 -1.75 -7.66
N GLY A 172 8.11 -2.06 -8.74
CA GLY A 172 7.76 -1.49 -10.02
C GLY A 172 6.40 -2.10 -10.30
N ILE A 173 5.62 -1.49 -11.18
CA ILE A 173 4.31 -2.01 -11.47
C ILE A 173 3.88 -1.56 -12.87
N GLY A 174 3.08 -2.38 -13.53
CA GLY A 174 2.61 -2.04 -14.87
C GLY A 174 1.75 -3.20 -15.35
N ARG A 175 2.19 -3.85 -16.43
CA ARG A 175 1.46 -5.00 -16.94
C ARG A 175 1.71 -6.14 -15.96
N GLY A 176 2.72 -5.94 -15.12
CA GLY A 176 3.04 -6.92 -14.11
C GLY A 176 2.68 -6.35 -12.75
N PHE A 177 2.18 -7.20 -11.87
CA PHE A 177 1.81 -6.79 -10.52
C PHE A 177 3.10 -6.28 -9.86
N HIS A 178 4.10 -7.15 -9.80
CA HIS A 178 5.38 -6.80 -9.20
C HIS A 178 6.49 -6.83 -10.25
N GLU A 179 6.98 -5.65 -10.61
CA GLU A 179 8.06 -5.54 -11.58
C GLU A 179 9.24 -4.89 -10.88
N GLU A 180 10.40 -4.87 -11.52
CA GLU A 180 11.54 -4.21 -10.93
C GLU A 180 11.22 -2.73 -11.01
N PRO A 181 11.82 -1.91 -10.14
CA PRO A 181 12.78 -2.28 -9.10
C PRO A 181 12.09 -2.57 -7.77
N GLN A 182 12.86 -3.05 -6.80
CA GLN A 182 12.32 -3.30 -5.48
C GLN A 182 12.44 -1.94 -4.79
N VAL A 183 11.44 -1.57 -4.02
CA VAL A 183 11.46 -0.29 -3.33
C VAL A 183 11.48 -0.55 -1.83
N LEU A 184 12.67 -0.70 -1.28
CA LEU A 184 12.83 -0.94 0.14
C LEU A 184 12.45 0.29 0.93
N HIS A 185 11.88 0.07 2.10
CA HIS A 185 11.48 1.19 2.95
C HIS A 185 12.47 1.41 4.07
N TYR A 186 13.71 1.01 3.82
CA TYR A 186 14.78 1.18 4.79
C TYR A 186 16.09 1.27 4.04
N ASP A 187 17.13 1.69 4.73
CA ASP A 187 18.44 1.82 4.10
C ASP A 187 19.12 0.47 3.92
N SER A 188 19.57 0.21 2.71
CA SER A 188 20.26 -1.04 2.39
C SER A 188 21.37 -0.76 1.39
N ARG A 189 22.54 -1.33 1.65
CA ARG A 189 23.69 -1.16 0.78
C ARG A 189 23.42 -1.78 -0.59
N GLU A 190 22.42 -2.64 -0.66
CA GLU A 190 22.10 -3.30 -1.91
C GLU A 190 21.32 -2.40 -2.86
N THR A 191 20.62 -1.42 -2.31
CA THR A 191 19.81 -0.51 -3.11
C THR A 191 20.61 0.53 -3.89
N ASN A 192 20.45 0.52 -5.20
CA ASN A 192 21.12 1.47 -6.07
C ASN A 192 20.29 1.61 -7.32
N VAL A 193 19.19 2.34 -7.20
CA VAL A 193 18.29 2.59 -8.32
C VAL A 193 17.99 4.07 -8.39
N VAL A 194 18.40 4.71 -9.48
CA VAL A 194 18.16 6.14 -9.66
C VAL A 194 16.88 6.31 -10.45
N LEU A 195 15.97 7.12 -9.91
CA LEU A 195 14.69 7.35 -10.55
C LEU A 195 14.79 8.02 -11.92
N LYS A 196 13.85 7.65 -12.79
CA LYS A 196 13.80 8.17 -14.15
C LYS A 196 12.35 8.47 -14.48
N PRO A 197 12.10 9.50 -15.31
CA PRO A 197 10.71 9.82 -15.65
C PRO A 197 10.06 8.63 -16.36
N GLY A 198 8.78 8.39 -16.06
CA GLY A 198 8.09 7.30 -16.71
C GLY A 198 8.08 6.00 -15.91
N MET A 199 8.87 5.95 -14.85
CA MET A 199 8.90 4.76 -14.00
C MET A 199 7.64 4.79 -13.17
N THR A 200 7.01 3.63 -13.02
CA THR A 200 5.82 3.53 -12.21
C THR A 200 6.10 2.48 -11.17
N PHE A 201 5.93 2.84 -9.91
CA PHE A 201 6.18 1.91 -8.83
C PHE A 201 5.37 2.29 -7.62
N THR A 202 5.43 1.44 -6.61
CA THR A 202 4.71 1.67 -5.38
C THR A 202 5.65 1.96 -4.23
N ILE A 203 5.10 2.60 -3.22
CA ILE A 203 5.83 2.87 -2.00
C ILE A 203 4.76 2.39 -1.02
N GLU A 204 5.13 1.46 -0.16
CA GLU A 204 4.13 0.88 0.74
C GLU A 204 4.76 0.40 2.03
N PRO A 205 5.31 1.32 2.83
CA PRO A 205 5.95 0.96 4.09
C PRO A 205 5.03 0.24 5.08
N MET A 206 5.57 -0.80 5.69
CA MET A 206 4.85 -1.55 6.71
C MET A 206 5.57 -1.13 7.98
N VAL A 207 4.84 -0.50 8.89
CA VAL A 207 5.45 -0.02 10.12
C VAL A 207 4.89 -0.67 11.38
N ASN A 208 5.78 -1.15 12.24
CA ASN A 208 5.35 -1.79 13.47
C ASN A 208 5.54 -0.81 14.62
N ALA A 209 4.58 -0.79 15.54
CA ALA A 209 4.69 0.08 16.69
C ALA A 209 5.82 -0.47 17.56
N GLY A 210 5.97 -1.80 17.52
CA GLY A 210 7.01 -2.44 18.30
C GLY A 210 8.23 -2.80 17.47
N LYS A 211 8.73 -4.02 17.65
CA LYS A 211 9.90 -4.50 16.93
C LYS A 211 9.59 -4.90 15.50
N LYS A 212 10.61 -4.88 14.64
CA LYS A 212 10.45 -5.18 13.23
C LYS A 212 10.15 -6.63 12.91
N GLU A 213 10.58 -7.56 13.76
CA GLU A 213 10.36 -8.98 13.49
C GLU A 213 8.90 -9.38 13.27
N ILE A 214 8.71 -10.28 12.31
CA ILE A 214 7.39 -10.75 11.98
C ILE A 214 7.34 -12.28 12.02
N ARG A 215 6.12 -12.80 11.90
CA ARG A 215 5.87 -14.23 11.90
C ARG A 215 4.74 -14.48 10.92
N THR A 216 4.79 -15.60 10.21
CA THR A 216 3.72 -15.93 9.29
C THR A 216 2.94 -17.05 9.94
N MET A 217 1.62 -16.90 9.99
CA MET A 217 0.75 -17.89 10.60
C MET A 217 0.74 -19.18 9.80
N LYS A 218 0.08 -20.21 10.32
CA LYS A 218 0.08 -21.48 9.62
C LYS A 218 -0.96 -21.63 8.52
N ASP A 219 -1.49 -20.50 8.06
CA ASP A 219 -2.42 -20.52 6.95
C ASP A 219 -1.55 -20.14 5.76
N GLY A 220 -0.25 -20.02 6.05
CA GLY A 220 0.75 -19.68 5.04
C GLY A 220 0.65 -18.29 4.46
N TRP A 221 -0.20 -17.45 5.03
CA TRP A 221 -0.40 -16.10 4.52
C TRP A 221 -0.37 -14.98 5.55
N THR A 222 -1.17 -15.12 6.60
CA THR A 222 -1.26 -14.08 7.60
C THR A 222 0.08 -13.80 8.28
N VAL A 223 0.52 -12.55 8.18
CA VAL A 223 1.76 -12.15 8.80
C VAL A 223 1.43 -11.27 9.99
N LYS A 224 2.05 -11.56 11.13
CA LYS A 224 1.81 -10.79 12.34
C LYS A 224 3.15 -10.35 12.91
N THR A 225 3.10 -9.27 13.70
CA THR A 225 4.31 -8.79 14.35
C THR A 225 4.68 -9.88 15.37
N LYS A 226 5.97 -10.18 15.46
CA LYS A 226 6.43 -11.19 16.40
C LYS A 226 6.02 -10.85 17.82
N ASP A 227 6.12 -9.56 18.16
CA ASP A 227 5.76 -9.10 19.50
C ASP A 227 4.29 -8.71 19.60
N ARG A 228 3.54 -9.00 18.54
CA ARG A 228 2.11 -8.69 18.49
C ARG A 228 1.79 -7.21 18.69
N SER A 229 2.72 -6.35 18.32
CA SER A 229 2.49 -4.92 18.42
C SER A 229 1.71 -4.54 17.17
N LEU A 230 1.07 -3.38 17.19
CA LEU A 230 0.28 -2.94 16.03
C LEU A 230 1.20 -2.69 14.85
N SER A 231 0.66 -2.86 13.65
CA SER A 231 1.43 -2.64 12.44
C SER A 231 0.50 -1.95 11.46
N ALA A 232 1.02 -0.94 10.76
CA ALA A 232 0.22 -0.20 9.81
C ALA A 232 0.95 -0.07 8.49
N GLN A 233 0.18 0.14 7.43
CA GLN A 233 0.71 0.29 6.10
C GLN A 233 -0.20 1.17 5.25
N TYR A 234 0.43 1.94 4.37
CA TYR A 234 -0.26 2.78 3.42
C TYR A 234 0.51 2.57 2.13
N GLU A 235 -0.19 2.56 1.01
CA GLU A 235 0.47 2.36 -0.26
C GLU A 235 -0.15 3.19 -1.38
N HIS A 236 0.71 3.66 -2.27
CA HIS A 236 0.28 4.43 -3.42
C HIS A 236 1.10 3.99 -4.62
N THR A 237 0.49 4.05 -5.79
CA THR A 237 1.18 3.73 -7.03
C THR A 237 1.48 5.09 -7.63
N ILE A 238 2.70 5.30 -8.09
CA ILE A 238 3.05 6.59 -8.65
C ILE A 238 3.80 6.47 -9.97
N VAL A 239 3.87 7.57 -10.68
CA VAL A 239 4.63 7.63 -11.93
C VAL A 239 5.59 8.78 -11.71
N VAL A 240 6.86 8.55 -12.04
CA VAL A 240 7.85 9.60 -11.89
C VAL A 240 7.71 10.55 -13.08
N THR A 241 7.61 11.83 -12.79
CA THR A 241 7.47 12.83 -13.85
C THR A 241 8.82 13.53 -14.01
N ASP A 242 8.90 14.50 -14.90
CA ASP A 242 10.16 15.21 -15.11
C ASP A 242 10.66 15.99 -13.90
N ASN A 243 9.73 16.50 -13.09
CA ASN A 243 10.13 17.28 -11.92
C ASN A 243 9.56 16.78 -10.61
N GLY A 244 9.21 15.49 -10.56
CA GLY A 244 8.65 14.94 -9.34
C GLY A 244 7.88 13.67 -9.61
N CYS A 245 6.61 13.65 -9.23
CA CYS A 245 5.80 12.47 -9.46
C CYS A 245 4.32 12.76 -9.44
N GLU A 246 3.54 11.80 -9.92
CA GLU A 246 2.10 11.90 -9.94
C GLU A 246 1.58 10.67 -9.21
N ILE A 247 0.76 10.90 -8.20
CA ILE A 247 0.17 9.82 -7.42
C ILE A 247 -1.06 9.34 -8.21
N LEU A 248 -0.98 8.12 -8.71
CA LEU A 248 -2.05 7.56 -9.52
C LEU A 248 -3.21 6.99 -8.73
N THR A 249 -2.98 6.71 -7.45
CA THR A 249 -4.02 6.14 -6.61
C THR A 249 -4.47 7.10 -5.50
N LEU A 250 -4.41 8.39 -5.77
CA LEU A 250 -4.81 9.37 -4.76
C LEU A 250 -6.30 9.26 -4.45
N ARG A 251 -6.65 9.52 -3.19
CA ARG A 251 -8.04 9.47 -2.76
C ARG A 251 -8.46 10.82 -2.23
N LYS A 252 -9.78 11.01 -2.11
CA LYS A 252 -10.32 12.27 -1.61
C LYS A 252 -9.80 12.56 -0.20
N ASP A 253 -9.54 11.50 0.57
CA ASP A 253 -9.06 11.67 1.94
C ASP A 253 -7.56 11.87 2.07
N ASP A 254 -6.83 11.67 0.99
CA ASP A 254 -5.39 11.88 1.04
C ASP A 254 -5.13 13.35 1.37
N THR A 255 -4.08 13.60 2.15
CA THR A 255 -3.73 14.95 2.50
C THR A 255 -2.42 15.35 1.87
N ILE A 256 -2.25 14.91 0.61
CA ILE A 256 -1.10 15.22 -0.21
C ILE A 256 -1.68 15.37 -1.61
N PRO A 257 -1.13 16.30 -2.42
CA PRO A 257 -1.63 16.52 -3.78
C PRO A 257 -1.26 15.38 -4.73
N ALA A 258 -2.05 15.25 -5.79
CA ALA A 258 -1.82 14.21 -6.79
C ALA A 258 -0.53 14.48 -7.54
N ILE A 259 -0.33 15.73 -7.92
CA ILE A 259 0.86 16.12 -8.66
C ILE A 259 1.84 16.83 -7.73
N ILE A 260 3.00 16.22 -7.54
CA ILE A 260 4.04 16.79 -6.70
C ILE A 260 5.12 17.32 -7.62
N SER A 261 5.30 18.64 -7.61
CA SER A 261 6.29 19.29 -8.47
C SER A 261 7.44 19.88 -7.67
N HIS A 262 8.64 19.84 -8.25
CA HIS A 262 9.83 20.37 -7.60
C HIS A 262 10.55 21.37 -8.51
N ASP A 263 11.48 22.11 -7.93
CA ASP A 263 12.27 23.09 -8.67
C ASP A 263 13.18 23.88 -7.73
MN MN B . -0.91 -3.46 -2.42
MN MN C . 2.32 -3.27 -3.74
NA NA D . -1.85 -4.21 11.18
OA FCD E . 1.53 -7.95 -2.68
CA FCD E . 0.96 -6.79 -2.33
C FCD E . 1.45 -5.47 -2.78
OB FCD E . 2.45 -5.47 -3.52
CB FCD E . -0.15 -7.08 -1.49
CG FCD E . -0.19 -8.48 -1.36
CD FCD E . 0.88 -8.99 -2.13
OXT FCD E . 0.86 -4.44 -2.42
C1 FCD E . 1.29 -10.38 -2.31
C2 FCD E . 2.70 -10.64 -2.31
C3 FCD E . 3.18 -11.96 -2.50
C4 FCD E . 2.27 -13.00 -2.71
C5 FCD E . 0.87 -12.76 -2.74
C6 FCD E . 0.38 -11.45 -2.54
CL2 FCD E . -1.30 -11.22 -2.58
#